data_1LIO
#
_entry.id   1LIO
#
_cell.length_a   47.100
_cell.length_b   68.000
_cell.length_c   56.800
_cell.angle_alpha   90.00
_cell.angle_beta   100.80
_cell.angle_gamma   90.00
#
_symmetry.space_group_name_H-M   'P 1 21 1'
#
loop_
_entity.id
_entity.type
_entity.pdbx_description
1 polymer 'adenosine kinase'
2 water water
#
_entity_poly.entity_id   1
_entity_poly.type   'polypeptide(L)'
_entity_poly.pdbx_seq_one_letter_code
;MAVDSSNSATGPMRVFAIGNPILDLVAEVPSSFLDEFFLKRGDATLATPEQMRIYSTLDQFNPTSLPGGSALNSVRVVQK
LLRKPGSAGYMGAIGDDPRGQVLKELCDKEGLATRFMVAPGQSTGTCAVLINEKERTLCTHLGACGSFRIPEDWTTFASG
ALIFYATAYTLTATPKNALEVAGYAHGIPNAIFTLNLSAPFCVELYKDAMQSLLLHTNILFGNEEEFAHLAKVHNLVAAD
KTALSTANKEHAVEVCTGALRLLTAGQNTGATKLVVMTRGHNPVIAAEQTADGTVVVHEVGVPVVAAEKIVDTNGAGDAF
VGGFLYGLSQGKTVKQCIMCGNACAQDVIQHVGFSLSFTSLPC
;
_entity_poly.pdbx_strand_id   A
#
# COMPACT_ATOMS: atom_id res chain seq x y z
N PRO A 12 -4.22 -16.53 -13.26
CA PRO A 12 -4.23 -16.60 -11.81
C PRO A 12 -3.19 -15.59 -11.35
N MET A 13 -2.10 -16.05 -10.73
CA MET A 13 -1.07 -15.13 -10.25
C MET A 13 -0.63 -14.24 -11.39
N ARG A 14 -0.76 -12.92 -11.17
CA ARG A 14 -0.39 -11.92 -12.16
C ARG A 14 -0.07 -10.56 -11.51
N VAL A 15 0.13 -10.60 -10.20
CA VAL A 15 0.46 -9.41 -9.40
C VAL A 15 1.09 -9.92 -8.11
N PHE A 16 2.24 -9.42 -7.72
CA PHE A 16 2.88 -9.90 -6.48
C PHE A 16 3.17 -8.74 -5.55
N ALA A 17 2.68 -8.83 -4.33
CA ALA A 17 2.89 -7.77 -3.34
C ALA A 17 3.71 -8.22 -2.13
N ILE A 18 4.56 -7.29 -1.71
CA ILE A 18 5.42 -7.52 -0.58
C ILE A 18 5.33 -6.34 0.36
N GLY A 19 4.97 -6.67 1.59
CA GLY A 19 4.83 -5.70 2.65
C GLY A 19 4.55 -6.35 4.02
N ASN A 20 4.12 -5.51 4.94
CA ASN A 20 3.82 -5.91 6.32
C ASN A 20 2.36 -6.31 6.48
N PRO A 21 2.05 -7.58 6.70
CA PRO A 21 0.68 -8.03 6.89
C PRO A 21 0.13 -7.45 8.15
N ILE A 22 -0.79 -6.54 8.04
CA ILE A 22 -1.35 -5.95 9.25
C ILE A 22 -2.88 -6.19 9.22
N LEU A 23 -3.40 -6.37 10.43
CA LEU A 23 -4.83 -6.67 10.70
C LEU A 23 -5.53 -5.43 11.26
N ASP A 24 -6.82 -5.33 10.95
CA ASP A 24 -7.66 -4.21 11.41
C ASP A 24 -8.77 -4.75 12.31
N LEU A 25 -9.10 -3.94 13.31
CA LEU A 25 -10.09 -4.29 14.33
C LEU A 25 -11.24 -3.26 14.44
N VAL A 26 -11.76 -2.80 13.33
CA VAL A 26 -12.85 -1.81 13.38
C VAL A 26 -13.89 -2.26 14.41
N ALA A 27 -14.34 -1.31 15.20
CA ALA A 27 -15.33 -1.54 16.24
C ALA A 27 -16.29 -0.36 16.35
N GLU A 28 -16.26 0.22 17.50
CA GLU A 28 -17.07 1.36 17.90
C GLU A 28 -17.19 1.27 19.39
N VAL A 29 -16.42 2.11 19.96
CA VAL A 29 -16.24 2.21 21.36
C VAL A 29 -16.80 3.50 21.92
N PRO A 30 -17.46 3.48 23.10
CA PRO A 30 -17.95 4.70 23.68
C PRO A 30 -16.73 5.59 23.88
N SER A 31 -16.97 6.87 24.02
CA SER A 31 -15.88 7.86 24.20
C SER A 31 -14.83 7.37 25.23
N SER A 32 -15.35 6.96 26.38
CA SER A 32 -14.53 6.49 27.52
C SER A 32 -13.51 5.45 27.08
N PHE A 33 -13.97 4.35 26.50
CA PHE A 33 -13.04 3.31 26.06
C PHE A 33 -11.84 3.94 25.43
N LEU A 34 -12.19 4.87 24.58
CA LEU A 34 -11.27 5.67 23.81
C LEU A 34 -10.34 6.46 24.73
N ASP A 35 -10.93 7.16 25.67
CA ASP A 35 -10.20 8.01 26.61
C ASP A 35 -9.33 7.17 27.59
N GLU A 36 -9.69 5.89 27.74
CA GLU A 36 -8.96 4.95 28.67
C GLU A 36 -7.55 4.65 28.17
N PHE A 37 -7.42 4.70 26.87
CA PHE A 37 -6.16 4.40 26.19
C PHE A 37 -5.52 5.69 25.53
N PHE A 38 -5.79 6.87 26.17
CA PHE A 38 -5.41 8.29 25.65
C PHE A 38 -5.04 8.36 24.19
N LEU A 39 -6.14 8.36 23.52
CA LEU A 39 -6.27 8.44 22.11
C LEU A 39 -7.21 9.47 21.75
N LYS A 40 -6.91 10.33 20.86
CA LYS A 40 -8.01 11.13 20.58
C LYS A 40 -8.40 11.13 19.19
N ARG A 41 -9.70 11.26 19.23
CA ARG A 41 -10.58 11.31 18.11
C ARG A 41 -9.97 12.15 17.03
N GLY A 42 -9.73 11.42 15.98
CA GLY A 42 -9.17 11.92 14.75
C GLY A 42 -7.71 11.69 14.82
N ASP A 43 -7.40 10.50 15.26
CA ASP A 43 -6.05 10.06 15.45
C ASP A 43 -5.83 8.58 15.12
N ALA A 44 -4.72 8.39 14.44
CA ALA A 44 -4.16 7.08 14.04
C ALA A 44 -2.68 7.18 14.42
N THR A 45 -2.26 6.38 15.36
CA THR A 45 -0.88 6.46 15.84
C THR A 45 -0.33 5.13 16.28
N LEU A 46 0.96 5.17 16.56
CA LEU A 46 1.68 3.98 17.01
C LEU A 46 1.43 3.76 18.49
N ALA A 47 0.80 2.63 18.72
CA ALA A 47 0.42 2.15 20.04
C ALA A 47 1.62 2.17 20.96
N THR A 48 1.39 2.46 22.21
CA THR A 48 2.52 2.42 23.13
C THR A 48 2.27 1.27 24.12
N PRO A 49 3.00 1.23 25.20
CA PRO A 49 2.92 0.11 26.16
C PRO A 49 1.57 -0.10 26.80
N GLU A 50 0.84 0.99 27.07
CA GLU A 50 -0.48 0.90 27.69
C GLU A 50 -1.55 0.70 26.64
N GLN A 51 -1.15 0.74 25.38
CA GLN A 51 -2.10 0.55 24.33
C GLN A 51 -1.94 -0.83 23.71
N MET A 52 -1.12 -1.67 24.33
CA MET A 52 -0.92 -3.02 23.80
C MET A 52 -2.04 -3.94 24.28
N ARG A 53 -2.37 -3.80 25.57
CA ARG A 53 -3.40 -4.59 26.24
C ARG A 53 -4.77 -4.25 25.66
N ILE A 54 -4.74 -3.33 24.73
CA ILE A 54 -5.94 -2.84 24.03
C ILE A 54 -6.45 -3.88 23.02
N TYR A 55 -5.53 -4.52 22.27
CA TYR A 55 -5.90 -5.52 21.28
C TYR A 55 -6.81 -6.53 21.92
N SER A 56 -6.41 -7.00 23.08
CA SER A 56 -7.23 -7.97 23.76
C SER A 56 -8.60 -7.32 23.99
N THR A 57 -8.60 -6.07 24.48
CA THR A 57 -9.82 -5.33 24.75
C THR A 57 -10.77 -5.39 23.58
N LEU A 58 -10.49 -4.61 22.54
CA LEU A 58 -11.31 -4.60 21.34
C LEU A 58 -11.34 -6.02 20.70
N ASP A 59 -10.73 -7.01 21.35
CA ASP A 59 -10.75 -8.35 20.79
C ASP A 59 -11.93 -9.12 21.35
N GLN A 60 -12.81 -8.41 22.06
CA GLN A 60 -13.98 -9.04 22.65
C GLN A 60 -15.30 -8.42 22.17
N PHE A 61 -15.37 -7.08 22.18
CA PHE A 61 -16.52 -6.25 21.75
C PHE A 61 -17.50 -6.89 20.75
N ASN A 62 -17.44 -6.36 19.52
CA ASN A 62 -18.23 -6.75 18.32
C ASN A 62 -17.46 -6.17 17.12
N PRO A 63 -16.11 -6.35 17.12
CA PRO A 63 -15.27 -5.83 16.04
C PRO A 63 -15.08 -6.78 14.86
N THR A 64 -15.64 -6.46 13.72
CA THR A 64 -15.48 -7.32 12.55
C THR A 64 -14.17 -6.94 11.87
N SER A 65 -13.09 -7.57 12.34
CA SER A 65 -11.72 -7.41 11.89
C SER A 65 -11.42 -7.98 10.52
N LEU A 66 -10.82 -7.14 9.69
CA LEU A 66 -10.46 -7.56 8.34
C LEU A 66 -8.96 -7.50 8.17
N PRO A 67 -8.47 -8.17 7.14
CA PRO A 67 -7.04 -8.15 6.88
C PRO A 67 -6.66 -6.90 6.03
N GLY A 68 -5.37 -6.53 6.01
CA GLY A 68 -4.96 -5.35 5.23
C GLY A 68 -3.69 -4.61 5.73
N GLY A 69 -3.49 -3.42 5.21
CA GLY A 69 -2.35 -2.62 5.59
C GLY A 69 -2.17 -1.51 4.56
N SER A 70 -1.31 -1.79 3.59
CA SER A 70 -1.00 -0.87 2.52
C SER A 70 -0.88 -1.67 1.24
N ALA A 71 0.07 -2.59 1.28
CA ALA A 71 0.30 -3.46 0.14
C ALA A 71 -0.86 -4.42 0.15
N LEU A 72 -1.29 -4.78 1.37
CA LEU A 72 -2.41 -5.71 1.60
C LEU A 72 -3.71 -5.17 1.05
N ASN A 73 -4.08 -3.96 1.48
CA ASN A 73 -5.30 -3.38 1.02
C ASN A 73 -5.23 -3.16 -0.47
N SER A 74 -4.12 -2.57 -0.92
CA SER A 74 -3.90 -2.30 -2.33
C SER A 74 -4.15 -3.59 -3.13
N VAL A 75 -3.54 -4.72 -2.66
CA VAL A 75 -3.71 -6.02 -3.37
C VAL A 75 -5.20 -6.37 -3.44
N ARG A 76 -5.83 -6.47 -2.28
CA ARG A 76 -7.30 -6.76 -2.17
C ARG A 76 -7.99 -6.41 -3.44
N VAL A 77 -7.94 -5.11 -3.66
CA VAL A 77 -8.52 -4.48 -4.83
C VAL A 77 -8.33 -5.35 -6.02
N VAL A 78 -7.11 -5.28 -6.40
CA VAL A 78 -6.51 -5.99 -7.49
C VAL A 78 -7.18 -7.35 -7.59
N GLN A 79 -7.07 -7.98 -6.45
CA GLN A 79 -7.56 -9.31 -6.17
C GLN A 79 -9.05 -9.50 -6.46
N LYS A 80 -9.86 -8.64 -5.86
CA LYS A 80 -11.30 -8.73 -6.06
C LYS A 80 -11.61 -8.21 -7.45
N LEU A 81 -10.76 -7.30 -7.88
CA LEU A 81 -10.89 -6.70 -9.19
C LEU A 81 -10.86 -7.74 -10.23
N LEU A 82 -10.25 -8.79 -9.86
CA LEU A 82 -10.13 -9.93 -10.69
C LEU A 82 -11.40 -10.75 -10.56
N ARG A 83 -11.38 -11.52 -9.50
CA ARG A 83 -12.48 -12.40 -9.08
C ARG A 83 -11.97 -13.84 -8.89
N LYS A 84 -10.86 -14.18 -9.54
CA LYS A 84 -10.28 -15.51 -9.46
C LYS A 84 -9.35 -15.74 -8.26
N PRO A 85 -9.16 -17.02 -7.88
CA PRO A 85 -8.31 -17.39 -6.74
C PRO A 85 -6.84 -17.59 -7.07
N GLY A 86 -5.98 -17.01 -6.21
CA GLY A 86 -4.52 -17.06 -6.33
C GLY A 86 -4.02 -16.22 -7.47
N SER A 87 -4.82 -15.22 -7.85
CA SER A 87 -4.52 -14.29 -8.95
C SER A 87 -3.61 -13.14 -8.47
N ALA A 88 -3.26 -13.23 -7.21
CA ALA A 88 -2.43 -12.26 -6.53
C ALA A 88 -1.87 -12.94 -5.33
N GLY A 89 -0.58 -12.80 -5.17
CA GLY A 89 0.11 -13.40 -4.06
C GLY A 89 0.79 -12.27 -3.39
N TYR A 90 1.14 -12.50 -2.14
CA TYR A 90 1.80 -11.44 -1.42
C TYR A 90 2.67 -12.02 -0.31
N MET A 91 3.84 -11.49 -0.15
CA MET A 91 4.66 -12.04 0.92
C MET A 91 4.72 -11.05 2.07
N GLY A 92 4.62 -11.56 3.30
CA GLY A 92 4.65 -10.65 4.46
C GLY A 92 4.88 -11.35 5.79
N ALA A 93 5.58 -10.67 6.67
CA ALA A 93 5.91 -11.17 7.98
C ALA A 93 4.77 -11.13 9.00
N ILE A 94 4.52 -12.30 9.55
CA ILE A 94 3.51 -12.57 10.55
C ILE A 94 4.24 -13.27 11.71
N GLY A 95 3.65 -13.37 12.89
CA GLY A 95 4.37 -14.06 13.95
C GLY A 95 3.58 -15.31 14.29
N ASP A 96 4.07 -16.18 15.15
CA ASP A 96 3.27 -17.36 15.46
C ASP A 96 2.07 -16.89 16.30
N ASP A 97 1.27 -15.98 15.76
CA ASP A 97 0.13 -15.51 16.54
C ASP A 97 -1.25 -15.65 15.90
N PRO A 98 -2.23 -16.03 16.76
CA PRO A 98 -3.63 -16.21 16.31
C PRO A 98 -4.11 -14.96 15.57
N ARG A 99 -3.39 -13.86 15.75
CA ARG A 99 -3.77 -12.63 15.08
C ARG A 99 -3.36 -12.84 13.65
N GLY A 100 -2.57 -13.88 13.44
CA GLY A 100 -2.14 -14.18 12.10
C GLY A 100 -2.88 -15.41 11.61
N GLN A 101 -3.06 -16.35 12.52
CA GLN A 101 -3.77 -17.59 12.21
C GLN A 101 -5.11 -17.29 11.56
N VAL A 102 -5.62 -16.10 11.88
CA VAL A 102 -6.87 -15.66 11.35
C VAL A 102 -6.56 -14.72 10.22
N LEU A 103 -5.30 -14.30 10.19
CA LEU A 103 -4.81 -13.40 9.16
C LEU A 103 -4.59 -14.16 7.84
N LYS A 104 -4.47 -15.48 7.95
CA LYS A 104 -4.27 -16.32 6.76
C LYS A 104 -5.58 -16.95 6.21
N GLU A 105 -6.47 -17.39 7.11
CA GLU A 105 -7.73 -17.97 6.67
C GLU A 105 -8.64 -16.86 6.14
N LEU A 106 -8.53 -15.69 6.73
CA LEU A 106 -9.34 -14.54 6.31
C LEU A 106 -8.81 -14.02 4.98
N CYS A 107 -7.50 -13.88 4.86
CA CYS A 107 -6.98 -13.41 3.60
C CYS A 107 -7.35 -14.48 2.56
N ASP A 108 -7.47 -15.71 3.04
CA ASP A 108 -7.81 -16.86 2.21
C ASP A 108 -9.13 -16.72 1.47
N LYS A 109 -10.19 -16.65 2.25
CA LYS A 109 -11.53 -16.52 1.70
C LYS A 109 -11.63 -15.45 0.64
N GLU A 110 -10.71 -14.50 0.64
CA GLU A 110 -10.73 -13.43 -0.35
C GLU A 110 -10.15 -13.82 -1.71
N GLY A 111 -9.61 -15.03 -1.80
CA GLY A 111 -9.04 -15.45 -3.06
C GLY A 111 -7.62 -14.89 -3.23
N LEU A 112 -6.91 -14.76 -2.11
CA LEU A 112 -5.53 -14.23 -2.08
C LEU A 112 -4.48 -15.34 -1.94
N ALA A 113 -3.36 -15.14 -2.63
CA ALA A 113 -2.26 -16.11 -2.60
C ALA A 113 -0.99 -15.63 -1.89
N THR A 114 -1.20 -14.85 -0.88
CA THR A 114 -0.13 -14.32 -0.04
C THR A 114 0.56 -15.48 0.71
N ARG A 115 1.84 -15.33 0.93
CA ARG A 115 2.68 -16.32 1.68
C ARG A 115 3.25 -15.54 2.86
N PHE A 116 2.93 -15.94 4.05
CA PHE A 116 3.39 -15.20 5.24
C PHE A 116 4.15 -15.99 6.12
N MET A 117 5.35 -15.71 6.14
CA MET A 117 6.18 -16.43 7.01
C MET A 117 5.83 -16.02 8.41
N VAL A 118 6.09 -16.91 9.34
CA VAL A 118 5.80 -16.61 10.72
C VAL A 118 7.06 -16.23 11.47
N ALA A 119 6.90 -15.18 12.24
CA ALA A 119 7.96 -14.61 13.06
C ALA A 119 7.90 -15.19 14.47
N PRO A 120 8.89 -16.02 14.72
CA PRO A 120 9.10 -16.73 15.95
C PRO A 120 8.88 -15.82 17.13
N GLY A 121 7.97 -16.23 18.03
CA GLY A 121 7.61 -15.49 19.24
C GLY A 121 7.47 -14.01 18.97
N GLN A 122 7.33 -13.65 17.72
CA GLN A 122 7.20 -12.28 17.33
C GLN A 122 5.83 -11.75 17.59
N SER A 123 4.85 -12.64 17.66
CA SER A 123 3.48 -12.20 17.89
C SER A 123 2.94 -11.54 16.62
N THR A 124 1.69 -11.14 16.64
CA THR A 124 1.09 -10.50 15.44
C THR A 124 1.02 -8.99 15.54
N GLY A 125 0.25 -8.38 14.62
CA GLY A 125 0.11 -6.98 14.56
C GLY A 125 -1.14 -6.50 13.84
N THR A 126 -1.95 -5.69 14.51
CA THR A 126 -3.16 -5.16 13.99
C THR A 126 -3.22 -3.61 14.19
N CYS A 127 -4.42 -3.08 14.17
CA CYS A 127 -4.60 -1.67 14.34
C CYS A 127 -6.02 -1.45 14.82
N ALA A 128 -6.20 -1.31 16.14
CA ALA A 128 -7.50 -1.11 16.71
C ALA A 128 -8.04 0.07 15.95
N VAL A 129 -9.19 -0.12 15.28
CA VAL A 129 -9.79 0.95 14.50
C VAL A 129 -11.07 1.55 15.08
N LEU A 130 -10.95 2.12 16.27
CA LEU A 130 -12.08 2.74 16.97
C LEU A 130 -12.85 3.70 16.06
N ILE A 131 -14.11 3.99 16.34
CA ILE A 131 -14.83 4.93 15.47
C ILE A 131 -15.68 5.94 16.24
N ASN A 132 -16.78 6.22 15.61
CA ASN A 132 -17.84 7.13 16.03
C ASN A 132 -18.91 6.70 15.06
N GLU A 133 -19.74 7.60 14.55
CA GLU A 133 -20.75 7.11 13.62
C GLU A 133 -20.15 6.82 12.23
N LYS A 134 -18.85 7.05 12.13
CA LYS A 134 -18.08 6.88 10.93
C LYS A 134 -16.66 7.26 11.24
N GLU A 135 -16.49 8.42 11.88
CA GLU A 135 -15.19 8.97 12.32
C GLU A 135 -14.38 7.97 13.12
N ARG A 136 -13.26 7.48 12.54
CA ARG A 136 -12.38 6.50 13.19
C ARG A 136 -11.09 7.04 13.81
N THR A 137 -10.55 6.25 14.74
CA THR A 137 -9.31 6.51 15.48
C THR A 137 -8.51 5.21 15.44
N LEU A 138 -7.34 5.23 14.88
CA LEU A 138 -6.66 3.94 14.87
C LEU A 138 -5.38 3.82 15.66
N CYS A 139 -5.26 2.73 16.42
CA CYS A 139 -4.05 2.49 17.20
C CYS A 139 -3.33 1.33 16.51
N THR A 140 -2.05 1.50 16.14
CA THR A 140 -1.34 0.41 15.47
C THR A 140 -0.07 -0.08 16.15
N HIS A 141 0.33 -1.28 15.80
CA HIS A 141 1.52 -1.89 16.36
C HIS A 141 2.31 -2.54 15.23
N LEU A 142 3.11 -1.76 14.51
CA LEU A 142 3.91 -2.30 13.40
C LEU A 142 5.29 -2.78 13.81
N GLY A 143 5.40 -4.02 14.26
CA GLY A 143 6.72 -4.50 14.64
C GLY A 143 6.73 -6.02 14.75
N ALA A 144 5.58 -6.65 14.77
CA ALA A 144 5.58 -8.09 14.88
C ALA A 144 5.43 -8.58 13.42
N CYS A 145 5.58 -7.54 12.58
CA CYS A 145 5.48 -7.55 11.09
C CYS A 145 6.73 -7.06 10.35
N GLY A 146 7.74 -6.72 11.11
CA GLY A 146 8.98 -6.17 10.54
C GLY A 146 10.14 -7.13 10.70
N SER A 147 10.12 -8.12 9.88
CA SER A 147 11.15 -9.13 9.87
C SER A 147 10.85 -10.11 8.81
N PHE A 148 10.73 -9.53 7.69
CA PHE A 148 10.52 -10.22 6.50
C PHE A 148 11.88 -10.20 5.90
N ARG A 149 12.24 -11.31 5.54
CA ARG A 149 13.47 -11.55 4.90
C ARG A 149 13.07 -12.40 3.81
N ILE A 150 12.90 -11.80 2.72
CA ILE A 150 12.41 -12.53 1.62
C ILE A 150 13.07 -13.89 1.54
N PRO A 151 12.22 -14.95 1.51
CA PRO A 151 12.72 -16.29 1.36
C PRO A 151 13.50 -16.32 0.07
N GLU A 152 14.53 -17.14 0.04
CA GLU A 152 15.42 -17.25 -1.14
C GLU A 152 14.69 -17.83 -2.36
N ASP A 153 13.61 -18.55 -2.11
CA ASP A 153 12.82 -19.18 -3.20
C ASP A 153 11.53 -18.41 -3.49
N TRP A 154 11.48 -17.19 -3.02
CA TRP A 154 10.29 -16.35 -3.21
C TRP A 154 9.95 -16.20 -4.71
N THR A 155 10.98 -16.24 -5.56
CA THR A 155 10.77 -16.09 -7.01
C THR A 155 9.97 -17.27 -7.57
N THR A 156 10.07 -18.42 -6.91
CA THR A 156 9.32 -19.61 -7.36
C THR A 156 7.83 -19.47 -7.00
N PHE A 157 7.61 -18.91 -5.82
CA PHE A 157 6.26 -18.68 -5.27
C PHE A 157 5.46 -17.66 -6.12
N ALA A 158 6.19 -16.75 -6.75
CA ALA A 158 5.58 -15.71 -7.61
C ALA A 158 5.83 -16.02 -9.15
N SER A 159 6.57 -17.15 -9.37
CA SER A 159 7.04 -17.73 -10.75
C SER A 159 5.99 -17.66 -11.88
N GLY A 160 6.10 -16.65 -12.73
CA GLY A 160 5.15 -16.44 -13.84
C GLY A 160 4.58 -15.02 -13.78
N ALA A 161 4.51 -14.48 -12.57
CA ALA A 161 4.01 -13.11 -12.33
C ALA A 161 4.88 -12.09 -13.09
N LEU A 162 4.23 -11.04 -13.61
CA LEU A 162 4.92 -9.98 -14.38
C LEU A 162 4.71 -8.54 -13.77
N ILE A 163 3.83 -8.46 -12.74
CA ILE A 163 3.49 -7.17 -12.02
C ILE A 163 3.88 -7.24 -10.53
N PHE A 164 5.05 -6.72 -10.24
CA PHE A 164 5.60 -6.73 -8.87
C PHE A 164 5.30 -5.43 -8.15
N TYR A 165 4.99 -5.53 -6.88
CA TYR A 165 4.71 -4.34 -6.09
C TYR A 165 5.08 -4.60 -4.62
N ALA A 166 5.10 -3.50 -3.88
CA ALA A 166 5.43 -3.48 -2.46
C ALA A 166 5.46 -2.02 -1.99
N THR A 167 5.10 -1.83 -0.75
CA THR A 167 5.05 -0.48 -0.15
C THR A 167 6.45 -0.14 0.40
N ALA A 168 6.80 1.13 0.22
CA ALA A 168 8.10 1.69 0.67
C ALA A 168 8.33 1.39 2.15
N TYR A 169 7.24 1.08 2.81
CA TYR A 169 7.26 0.74 4.24
C TYR A 169 8.26 -0.34 4.47
N THR A 170 8.24 -1.19 3.49
CA THR A 170 9.07 -2.36 3.40
C THR A 170 10.48 -2.04 3.89
N LEU A 171 10.95 -0.87 3.54
CA LEU A 171 12.29 -0.43 3.95
C LEU A 171 12.42 -0.46 5.46
N THR A 172 11.39 0.07 6.10
CA THR A 172 11.32 0.19 7.58
C THR A 172 12.11 -0.94 8.28
N ALA A 173 12.09 -2.13 7.73
CA ALA A 173 12.88 -3.23 8.33
C ALA A 173 14.30 -3.09 7.75
N THR A 174 14.38 -3.57 6.53
CA THR A 174 15.59 -3.55 5.68
C THR A 174 15.23 -3.47 4.24
N PRO A 175 15.68 -2.51 3.53
CA PRO A 175 15.45 -2.45 2.09
C PRO A 175 16.01 -3.64 1.22
N LYS A 176 16.32 -4.78 1.79
CA LYS A 176 16.84 -5.91 0.98
C LYS A 176 15.68 -6.44 0.05
N ASN A 177 14.62 -6.82 0.71
CA ASN A 177 13.37 -7.35 0.10
C ASN A 177 12.91 -6.51 -1.13
N ALA A 178 12.39 -5.31 -0.86
CA ALA A 178 11.92 -4.39 -1.93
C ALA A 178 13.13 -4.00 -2.78
N LEU A 179 14.30 -4.45 -2.36
CA LEU A 179 15.55 -4.19 -3.03
C LEU A 179 15.83 -5.32 -4.01
N GLU A 180 15.65 -6.50 -3.44
CA GLU A 180 15.84 -7.78 -4.09
C GLU A 180 14.63 -8.19 -4.91
N VAL A 181 13.56 -7.39 -4.90
CA VAL A 181 12.37 -7.74 -5.67
C VAL A 181 12.38 -7.09 -7.04
N ALA A 182 12.90 -5.87 -7.16
CA ALA A 182 12.98 -5.13 -8.44
C ALA A 182 14.30 -5.42 -9.22
N GLY A 183 15.22 -6.11 -8.52
CA GLY A 183 16.52 -6.51 -9.03
C GLY A 183 16.36 -7.81 -9.79
N TYR A 184 15.44 -8.66 -9.32
CA TYR A 184 15.14 -9.95 -9.94
C TYR A 184 14.14 -9.58 -11.01
N ALA A 185 13.14 -8.83 -10.56
CA ALA A 185 12.07 -8.33 -11.40
C ALA A 185 12.67 -7.70 -12.63
N HIS A 186 13.84 -7.14 -12.48
CA HIS A 186 14.48 -6.50 -13.61
C HIS A 186 15.08 -7.51 -14.55
N GLY A 187 15.45 -8.66 -14.00
CA GLY A 187 16.05 -9.78 -14.77
C GLY A 187 15.19 -10.26 -15.94
N ILE A 188 13.90 -10.34 -15.67
CA ILE A 188 13.01 -10.78 -16.72
C ILE A 188 11.68 -11.07 -16.08
N PRO A 189 10.66 -11.40 -16.85
CA PRO A 189 10.72 -11.50 -18.29
C PRO A 189 10.25 -10.25 -19.09
N ASN A 190 9.95 -9.15 -18.40
CA ASN A 190 9.46 -7.87 -18.91
C ASN A 190 8.34 -7.44 -17.96
N ALA A 191 8.51 -7.89 -16.71
CA ALA A 191 7.58 -7.62 -15.63
C ALA A 191 7.52 -6.14 -15.34
N ILE A 192 7.01 -5.77 -14.17
CA ILE A 192 6.89 -4.37 -13.75
C ILE A 192 7.13 -4.16 -12.25
N PHE A 193 7.85 -3.07 -11.94
CA PHE A 193 8.18 -2.71 -10.56
C PHE A 193 7.54 -1.38 -10.22
N THR A 194 6.70 -1.41 -9.21
CA THR A 194 6.00 -0.20 -8.78
C THR A 194 6.26 0.07 -7.32
N LEU A 195 6.59 1.30 -6.97
CA LEU A 195 6.83 1.52 -5.54
C LEU A 195 5.96 2.65 -5.05
N ASN A 196 5.48 2.56 -3.81
CA ASN A 196 4.64 3.60 -3.24
C ASN A 196 5.30 4.37 -2.10
N LEU A 197 5.61 5.63 -2.40
CA LEU A 197 6.25 6.62 -1.53
C LEU A 197 5.97 6.43 -0.05
N SER A 198 4.86 5.79 0.26
CA SER A 198 4.48 5.56 1.64
C SER A 198 4.40 6.83 2.49
N ALA A 199 5.06 6.87 3.62
CA ALA A 199 5.01 8.07 4.46
C ALA A 199 6.21 9.00 4.27
N PRO A 200 6.23 10.11 5.02
CA PRO A 200 7.31 11.09 4.96
C PRO A 200 8.53 10.43 5.56
N PHE A 201 8.27 9.55 6.50
CA PHE A 201 9.33 8.84 7.15
C PHE A 201 10.12 8.03 6.07
N CYS A 202 9.46 7.10 5.36
CA CYS A 202 10.08 6.27 4.30
C CYS A 202 10.96 7.08 3.37
N VAL A 203 10.36 8.18 2.94
CA VAL A 203 11.02 9.07 2.05
C VAL A 203 12.24 9.72 2.67
N GLU A 204 12.02 10.54 3.67
CA GLU A 204 13.06 11.26 4.39
C GLU A 204 13.93 10.42 5.28
N LEU A 205 13.31 9.43 5.92
CA LEU A 205 14.02 8.56 6.82
C LEU A 205 14.48 7.31 6.12
N TYR A 206 14.80 7.41 4.78
CA TYR A 206 15.26 6.27 3.97
C TYR A 206 16.38 6.59 2.94
N LYS A 207 16.26 7.69 2.15
CA LYS A 207 17.23 8.11 1.14
C LYS A 207 18.00 6.99 0.41
N ASP A 208 19.34 6.99 0.57
CA ASP A 208 20.33 6.04 -0.02
C ASP A 208 19.76 4.72 -0.55
N ALA A 209 18.64 4.28 -0.01
CA ALA A 209 18.04 3.03 -0.46
C ALA A 209 17.14 3.34 -1.66
N MET A 210 16.28 4.35 -1.50
CA MET A 210 15.35 4.77 -2.55
C MET A 210 16.06 5.20 -3.82
N GLN A 211 17.24 5.80 -3.70
CA GLN A 211 17.97 6.23 -4.89
C GLN A 211 18.19 5.06 -5.85
N SER A 212 18.48 3.87 -5.31
CA SER A 212 18.70 2.71 -6.16
C SER A 212 17.36 2.09 -6.53
N LEU A 213 16.51 1.91 -5.52
CA LEU A 213 15.17 1.37 -5.65
C LEU A 213 14.51 2.13 -6.78
N LEU A 214 14.52 3.47 -6.63
CA LEU A 214 13.95 4.42 -7.59
C LEU A 214 14.22 4.02 -9.03
N LEU A 215 15.50 3.82 -9.33
CA LEU A 215 15.88 3.43 -10.67
C LEU A 215 15.31 2.05 -11.03
N HIS A 216 15.37 1.11 -10.13
CA HIS A 216 14.84 -0.22 -10.41
C HIS A 216 13.33 -0.21 -10.11
N THR A 217 12.73 0.91 -10.49
CA THR A 217 11.31 1.12 -10.28
C THR A 217 10.64 1.52 -11.60
N ASN A 218 9.64 0.74 -12.01
CA ASN A 218 8.95 1.05 -13.24
C ASN A 218 7.71 1.89 -12.92
N ILE A 219 7.18 1.69 -11.74
CA ILE A 219 6.01 2.43 -11.32
C ILE A 219 6.21 3.12 -9.98
N LEU A 220 5.95 4.40 -9.99
CA LEU A 220 6.07 5.23 -8.80
C LEU A 220 4.69 5.69 -8.42
N PHE A 221 4.23 5.15 -7.32
CA PHE A 221 2.92 5.49 -6.78
C PHE A 221 3.03 6.31 -5.51
N GLY A 222 2.19 7.37 -5.43
CA GLY A 222 2.18 8.28 -4.27
C GLY A 222 1.31 9.52 -4.47
N ASN A 223 1.42 10.42 -3.48
CA ASN A 223 0.68 11.69 -3.42
C ASN A 223 1.63 12.93 -3.41
N GLU A 224 1.05 14.09 -3.30
CA GLU A 224 1.84 15.32 -3.28
C GLU A 224 2.75 15.42 -2.06
N GLU A 225 2.13 15.29 -0.86
CA GLU A 225 2.81 15.36 0.45
C GLU A 225 4.28 14.98 0.45
N GLU A 226 4.55 13.69 0.22
CA GLU A 226 5.92 13.17 0.20
C GLU A 226 6.68 13.39 -1.10
N PHE A 227 5.95 13.48 -2.23
CA PHE A 227 6.59 13.69 -3.52
C PHE A 227 7.36 14.99 -3.36
N ALA A 228 6.82 15.82 -2.48
CA ALA A 228 7.37 17.13 -2.13
C ALA A 228 8.49 16.98 -1.09
N HIS A 229 8.37 15.93 -0.25
CA HIS A 229 9.36 15.63 0.80
C HIS A 229 10.39 14.72 0.15
N LEU A 230 10.08 14.40 -1.09
CA LEU A 230 10.94 13.56 -1.90
C LEU A 230 11.70 14.54 -2.77
N ALA A 231 10.97 15.48 -3.32
CA ALA A 231 11.53 16.51 -4.17
C ALA A 231 12.54 17.28 -3.33
N LYS A 232 12.17 17.57 -2.07
CA LYS A 232 13.07 18.27 -1.17
C LYS A 232 14.32 17.41 -0.89
N VAL A 233 14.24 16.13 -1.22
CA VAL A 233 15.37 15.22 -0.99
C VAL A 233 16.38 15.22 -2.17
N HIS A 234 15.93 15.66 -3.36
CA HIS A 234 16.77 15.72 -4.56
C HIS A 234 17.02 17.14 -5.09
N ASN A 235 18.24 17.32 -5.63
CA ASN A 235 18.74 18.58 -6.20
C ASN A 235 17.64 19.29 -6.97
N LEU A 236 17.09 20.35 -6.42
CA LEU A 236 16.05 21.00 -7.18
C LEU A 236 15.29 22.11 -6.44
N VAL A 237 14.08 22.33 -6.97
CA VAL A 237 13.09 23.29 -6.51
C VAL A 237 11.71 22.90 -7.06
N ALA A 238 10.69 23.73 -6.76
CA ALA A 238 9.29 23.51 -7.20
C ALA A 238 8.53 22.52 -6.32
N ASP A 240 5.19 22.23 -7.52
CA ASP A 240 4.19 22.05 -8.56
C ASP A 240 3.99 20.61 -9.00
N LYS A 241 3.03 20.46 -9.89
CA LYS A 241 2.64 19.19 -10.45
C LYS A 241 3.69 18.73 -11.47
N THR A 242 3.70 19.34 -12.65
CA THR A 242 4.67 18.97 -13.67
C THR A 242 6.08 19.11 -13.08
N ALA A 243 6.22 20.09 -12.19
CA ALA A 243 7.47 20.37 -11.54
C ALA A 243 8.03 19.10 -11.00
N LEU A 244 7.54 18.70 -9.85
CA LEU A 244 7.96 17.48 -9.17
C LEU A 244 7.69 16.19 -9.92
N SER A 245 6.50 16.07 -10.51
CA SER A 245 6.14 14.86 -11.26
C SER A 245 7.24 14.54 -12.30
N THR A 246 7.44 15.45 -13.26
CA THR A 246 8.46 15.21 -14.26
C THR A 246 9.87 15.38 -13.66
N ALA A 247 10.00 16.15 -12.55
CA ALA A 247 11.31 16.36 -11.93
C ALA A 247 11.64 15.13 -11.18
N ASN A 248 10.66 14.52 -10.52
CA ASN A 248 10.98 13.30 -9.80
C ASN A 248 11.18 12.20 -10.81
N LYS A 249 10.34 12.15 -11.86
CA LYS A 249 10.54 11.11 -12.86
C LYS A 249 11.90 11.37 -13.54
N GLU A 250 12.19 12.64 -13.80
CA GLU A 250 13.43 13.11 -14.44
C GLU A 250 14.71 12.34 -14.04
N HIS A 251 14.61 11.41 -13.10
CA HIS A 251 15.81 10.69 -12.73
C HIS A 251 16.14 9.62 -13.76
N ALA A 252 17.43 9.51 -14.09
CA ALA A 252 18.04 8.57 -15.04
C ALA A 252 17.04 7.78 -15.87
N VAL A 253 17.21 6.46 -15.92
CA VAL A 253 16.30 5.63 -16.70
C VAL A 253 16.32 4.14 -16.33
N GLU A 254 16.20 3.30 -17.37
CA GLU A 254 16.18 1.82 -17.33
C GLU A 254 15.59 1.33 -18.65
N GLY A 270 2.87 -1.09 -22.20
CA GLY A 270 3.29 0.26 -21.88
C GLY A 270 3.82 0.43 -20.45
N ALA A 271 4.41 -0.62 -19.90
CA ALA A 271 4.95 -0.58 -18.54
C ALA A 271 6.37 -0.09 -18.57
N THR A 272 6.55 1.21 -18.43
CA THR A 272 7.89 1.80 -18.46
C THR A 272 8.27 2.46 -17.14
N LYS A 273 8.21 3.77 -17.13
CA LYS A 273 8.57 4.54 -15.93
C LYS A 273 7.51 5.59 -15.64
N LEU A 274 6.63 5.23 -14.75
CA LEU A 274 5.52 6.09 -14.32
C LEU A 274 5.85 6.74 -12.97
N VAL A 275 4.97 7.65 -12.61
CA VAL A 275 4.99 8.40 -11.34
C VAL A 275 3.64 9.10 -11.22
N VAL A 276 2.77 8.43 -10.49
CA VAL A 276 1.38 8.90 -10.25
C VAL A 276 1.34 9.89 -9.07
N MET A 277 1.11 11.15 -9.42
CA MET A 277 1.07 12.26 -8.45
C MET A 277 -0.36 12.57 -7.96
N THR A 278 -0.93 11.65 -7.18
CA THR A 278 -2.29 11.87 -6.64
C THR A 278 -2.27 13.14 -5.78
N ARG A 279 -3.04 14.10 -6.24
CA ARG A 279 -3.18 15.42 -5.61
C ARG A 279 -4.45 15.47 -4.73
N GLY A 280 -4.60 14.49 -3.85
CA GLY A 280 -5.78 14.41 -2.96
C GLY A 280 -7.05 14.24 -3.81
N HIS A 281 -7.72 15.37 -4.04
CA HIS A 281 -8.94 15.43 -4.86
C HIS A 281 -8.57 16.00 -6.20
N ASN A 282 -7.74 17.01 -6.13
CA ASN A 282 -7.23 17.67 -7.29
C ASN A 282 -6.88 16.55 -8.26
N PRO A 283 -6.78 16.81 -9.54
CA PRO A 283 -6.60 15.76 -10.52
C PRO A 283 -5.38 14.97 -10.30
N VAL A 284 -5.46 13.67 -10.56
CA VAL A 284 -4.25 12.89 -10.45
C VAL A 284 -3.34 13.46 -11.54
N ILE A 285 -2.06 13.34 -11.35
CA ILE A 285 -1.08 13.92 -12.28
C ILE A 285 0.10 12.97 -12.49
N ALA A 286 0.29 12.51 -13.72
CA ALA A 286 1.40 11.58 -14.04
C ALA A 286 2.12 11.97 -15.35
N ALA A 287 2.57 10.94 -16.05
CA ALA A 287 3.30 11.09 -17.33
C ALA A 287 3.85 9.73 -17.83
N GLU A 288 3.56 9.43 -19.09
CA GLU A 288 4.03 8.17 -19.75
C GLU A 288 5.42 8.42 -20.33
N GLN A 289 6.28 7.39 -20.42
CA GLN A 289 7.61 7.63 -21.03
C GLN A 289 7.92 6.66 -22.14
N THR A 290 7.54 7.28 -23.14
CA THR A 290 7.51 6.96 -24.49
C THR A 290 8.91 6.71 -25.02
N ALA A 291 8.96 5.59 -25.73
CA ALA A 291 10.15 4.99 -26.34
C ALA A 291 11.16 6.00 -26.86
N ASP A 292 10.78 7.00 -27.68
CA ASP A 292 11.89 7.83 -28.13
C ASP A 292 12.44 8.64 -26.98
N GLY A 293 11.92 8.38 -25.80
CA GLY A 293 12.41 9.05 -24.57
C GLY A 293 11.65 10.31 -24.28
N THR A 294 10.57 10.41 -24.96
CA THR A 294 9.75 11.56 -24.86
C THR A 294 8.78 11.49 -23.73
N VAL A 295 8.94 12.50 -22.90
CA VAL A 295 8.12 12.66 -21.72
C VAL A 295 6.81 13.40 -22.00
N VAL A 296 5.82 12.63 -21.65
CA VAL A 296 4.40 12.96 -21.70
C VAL A 296 3.94 13.07 -20.26
N VAL A 297 2.92 13.84 -20.03
CA VAL A 297 2.41 14.01 -18.67
C VAL A 297 0.91 13.68 -18.64
N HIS A 298 0.60 12.70 -17.83
CA HIS A 298 -0.78 12.19 -17.64
C HIS A 298 -1.48 12.98 -16.52
N GLU A 299 -2.61 13.56 -16.89
CA GLU A 299 -3.41 14.39 -15.96
C GLU A 299 -4.92 14.03 -16.04
N VAL A 300 -5.39 13.49 -14.92
CA VAL A 300 -6.80 13.02 -14.75
C VAL A 300 -7.38 13.52 -13.37
N GLY A 301 -8.28 14.53 -13.43
CA GLY A 301 -8.94 15.14 -12.20
C GLY A 301 -9.49 14.02 -11.32
N VAL A 302 -10.75 14.15 -10.85
CA VAL A 302 -11.38 13.02 -10.10
C VAL A 302 -12.85 13.26 -9.75
N PRO A 303 -13.73 12.92 -10.68
CA PRO A 303 -15.15 13.10 -10.46
C PRO A 303 -15.62 12.25 -9.27
N VAL A 304 -15.52 12.83 -8.09
CA VAL A 304 -15.92 12.16 -6.85
C VAL A 304 -17.08 12.88 -6.20
N VAL A 305 -18.30 12.43 -6.51
CA VAL A 305 -19.51 13.01 -5.97
C VAL A 305 -19.90 12.31 -4.67
N ALA A 306 -19.58 12.94 -3.54
CA ALA A 306 -19.89 12.35 -2.24
C ALA A 306 -19.81 13.34 -1.08
N ALA A 307 -20.37 12.91 0.06
CA ALA A 307 -20.37 13.75 1.24
C ALA A 307 -19.44 13.18 2.31
N GLU A 308 -19.79 13.33 3.61
CA GLU A 308 -19.00 12.84 4.77
C GLU A 308 -18.42 11.46 4.57
N LYS A 309 -18.97 10.78 3.55
CA LYS A 309 -18.63 9.44 3.11
C LYS A 309 -17.28 9.47 2.42
N ILE A 310 -16.39 10.29 3.01
CA ILE A 310 -15.02 10.46 2.55
C ILE A 310 -14.21 10.06 3.75
N VAL A 311 -13.08 10.68 4.03
CA VAL A 311 -12.33 10.27 5.21
C VAL A 311 -11.91 8.79 5.05
N ASP A 312 -10.67 8.62 4.63
CA ASP A 312 -10.03 7.31 4.40
C ASP A 312 -8.82 7.57 3.50
N THR A 313 -8.06 8.61 3.86
CA THR A 313 -6.84 9.05 3.16
C THR A 313 -5.93 7.90 2.74
N ASN A 314 -5.89 6.85 3.55
CA ASN A 314 -5.05 5.73 3.21
C ASN A 314 -5.86 4.84 2.28
N GLY A 315 -6.68 3.99 2.90
CA GLY A 315 -7.58 3.01 2.28
C GLY A 315 -8.04 3.36 0.87
N ALA A 316 -7.97 4.63 0.48
CA ALA A 316 -8.40 5.04 -0.85
C ALA A 316 -7.20 5.26 -1.79
N GLY A 317 -6.04 5.51 -1.19
CA GLY A 317 -4.83 5.73 -1.97
C GLY A 317 -4.32 4.31 -2.23
N ASP A 318 -4.78 3.39 -1.34
CA ASP A 318 -4.46 1.97 -1.35
C ASP A 318 -5.37 1.33 -2.38
N ALA A 319 -6.46 2.02 -2.65
CA ALA A 319 -7.46 1.60 -3.63
C ALA A 319 -6.90 1.96 -4.99
N PHE A 320 -6.47 3.24 -5.14
CA PHE A 320 -5.91 3.72 -6.41
C PHE A 320 -4.85 2.74 -6.89
N VAL A 321 -3.94 2.38 -5.98
CA VAL A 321 -2.88 1.44 -6.34
C VAL A 321 -3.50 0.13 -6.79
N GLY A 322 -4.67 -0.21 -6.22
CA GLY A 322 -5.40 -1.45 -6.52
C GLY A 322 -5.90 -1.55 -7.96
N GLY A 323 -6.66 -0.56 -8.42
CA GLY A 323 -7.19 -0.59 -9.79
C GLY A 323 -6.01 -0.39 -10.74
N PHE A 324 -5.09 0.46 -10.30
CA PHE A 324 -3.90 0.75 -11.10
C PHE A 324 -3.13 -0.54 -11.42
N LEU A 325 -3.04 -1.48 -10.46
CA LEU A 325 -2.33 -2.76 -10.68
C LEU A 325 -3.27 -3.85 -11.20
N TYR A 326 -4.56 -3.53 -11.25
CA TYR A 326 -5.56 -4.47 -11.72
C TYR A 326 -5.76 -4.26 -13.20
N GLY A 327 -6.17 -3.04 -13.52
CA GLY A 327 -6.38 -2.66 -14.92
C GLY A 327 -5.05 -2.59 -15.62
N LEU A 328 -3.99 -2.86 -14.85
CA LEU A 328 -2.58 -2.89 -15.27
C LEU A 328 -2.25 -4.30 -15.81
N SER A 329 -2.91 -5.27 -15.18
CA SER A 329 -2.75 -6.66 -15.54
C SER A 329 -3.81 -6.93 -16.58
N GLN A 330 -4.63 -5.93 -16.89
CA GLN A 330 -5.66 -6.15 -17.89
C GLN A 330 -5.72 -5.12 -19.01
N GLY A 331 -4.74 -5.12 -19.88
CA GLY A 331 -4.76 -4.15 -20.97
C GLY A 331 -3.91 -2.91 -20.75
N LYS A 332 -3.87 -2.38 -19.55
CA LYS A 332 -3.06 -1.18 -19.35
C LYS A 332 -3.63 0.00 -20.12
N THR A 333 -3.19 1.21 -19.78
CA THR A 333 -3.60 2.49 -20.40
C THR A 333 -3.46 3.65 -19.42
N VAL A 334 -2.57 4.58 -19.76
CA VAL A 334 -2.25 5.79 -18.99
C VAL A 334 -3.37 6.29 -18.06
N LYS A 335 -4.35 7.02 -18.64
CA LYS A 335 -5.47 7.56 -17.91
C LYS A 335 -6.40 6.44 -17.51
N GLN A 336 -6.48 5.40 -18.36
CA GLN A 336 -7.33 4.26 -18.06
C GLN A 336 -7.04 3.73 -16.65
N CYS A 337 -5.84 3.17 -16.41
CA CYS A 337 -5.52 2.66 -15.07
C CYS A 337 -5.66 3.73 -14.01
N ILE A 338 -5.15 4.92 -14.29
CA ILE A 338 -5.26 5.99 -13.31
C ILE A 338 -6.73 6.40 -13.12
N MET A 339 -7.50 6.37 -14.20
CA MET A 339 -8.91 6.75 -14.10
C MET A 339 -9.73 5.62 -13.49
N CYS A 340 -9.11 4.45 -13.32
CA CYS A 340 -9.78 3.28 -12.74
C CYS A 340 -9.71 3.18 -11.24
N GLY A 341 -8.52 3.42 -10.70
CA GLY A 341 -8.32 3.36 -9.26
C GLY A 341 -9.18 4.45 -8.62
N ASN A 342 -9.55 5.42 -9.46
CA ASN A 342 -10.35 6.56 -9.04
C ASN A 342 -11.66 6.04 -8.45
N ALA A 343 -12.26 5.07 -9.15
CA ALA A 343 -13.51 4.47 -8.69
C ALA A 343 -13.19 3.30 -7.80
N CYS A 344 -11.95 3.26 -7.38
CA CYS A 344 -11.49 2.20 -6.51
C CYS A 344 -11.51 2.74 -5.08
N ALA A 345 -10.98 3.95 -4.98
CA ALA A 345 -10.87 4.69 -3.75
C ALA A 345 -12.23 5.31 -3.50
N GLN A 346 -12.75 5.96 -4.54
CA GLN A 346 -14.04 6.62 -4.51
C GLN A 346 -15.04 5.68 -3.91
N ASP A 347 -14.96 4.45 -4.34
CA ASP A 347 -15.83 3.37 -3.88
C ASP A 347 -15.24 2.80 -2.61
N VAL A 348 -13.95 3.07 -2.41
CA VAL A 348 -13.26 2.58 -1.23
C VAL A 348 -13.38 3.50 -0.03
N ILE A 349 -13.00 4.75 -0.20
CA ILE A 349 -13.09 5.72 0.88
C ILE A 349 -14.55 5.81 1.35
N GLN A 350 -15.47 5.24 0.55
CA GLN A 350 -16.89 5.21 0.84
C GLN A 350 -17.19 4.29 2.00
N HIS A 351 -17.15 3.00 1.72
CA HIS A 351 -17.42 1.99 2.75
C HIS A 351 -16.32 1.95 3.80
N VAL A 352 -16.62 1.34 4.94
CA VAL A 352 -15.71 1.19 6.09
C VAL A 352 -14.24 0.97 5.71
N GLY A 353 -13.40 0.88 6.75
CA GLY A 353 -11.98 0.67 6.53
C GLY A 353 -11.81 -0.59 5.70
N PHE A 354 -11.59 -0.35 4.39
CA PHE A 354 -11.39 -1.40 3.36
C PHE A 354 -12.47 -2.43 3.29
N SER A 355 -13.71 -1.97 3.21
CA SER A 355 -14.81 -2.90 3.10
C SER A 355 -14.88 -3.29 1.61
N LEU A 356 -14.41 -4.48 1.23
CA LEU A 356 -14.41 -4.92 -0.16
C LEU A 356 -15.76 -5.18 -0.79
#